data_8UN4
#
_entry.id   8UN4
#
_cell.length_a   40.730
_cell.length_b   55.690
_cell.length_c   85.490
_cell.angle_alpha   90.000
_cell.angle_beta   90.000
_cell.angle_gamma   90.000
#
_symmetry.space_group_name_H-M   'P 21 2 21'
#
loop_
_entity.id
_entity.type
_entity.pdbx_description
1 polymer 'GTPase KRas'
2 non-polymer 'MAGNESIUM ION'
3 non-polymer "GUANOSINE-5'-DIPHOSPHATE"
4 non-polymer (2E)-1-{(3S)-4-[(7M)-7-[6-amino-4-methyl-3-(trifluoromethyl)pyridin-2-yl]-6-chloro-8-fluoro-2-{[(4R,7aS)-2-methylidenetetrahydro-1H-pyrrolizin-7a(5H)-yl]methoxy}quinazolin-4-yl]-3-methylpiperazin-1-yl}-3-{4-[(dimethylamino)methyl]-5-methylpyridin-2-yl}prop-2-en-1-one
5 water water
#
_entity_poly.entity_id   1
_entity_poly.type   'polypeptide(L)'
_entity_poly.pdbx_seq_one_letter_code
;GSTEYKLVVVGAGDVGKSALTIQLIQNHFVDEYDPTIEDSYRKQVVIDGETCLLDILDTAGQEEYSAMRDQYMRTGEGFL
CVFAINNTKSFEDIHHYREQIKRVKDSEDVPMVLVGNKCDLPSRTVDTKQAQDLARSYGIPFIETSAKTRQGVDDAFYTL
VREIRKHKEK
;
_entity_poly.pdbx_strand_id   A
#
loop_
_chem_comp.id
_chem_comp.type
_chem_comp.name
_chem_comp.formula
GDP RNA linking GUANOSINE-5'-DIPHOSPHATE 'C10 H15 N5 O11 P2'
MG non-polymer 'MAGNESIUM ION' 'Mg 2'
XV3 non-polymer (2E)-1-{(3S)-4-[(7M)-7-[6-amino-4-methyl-3-(trifluoromethyl)pyridin-2-yl]-6-chloro-8-fluoro-2-{[(4R,7aS)-2-methylidenetetrahydro-1H-pyrrolizin-7a(5H)-yl]methoxy}quinazolin-4-yl]-3-methylpiperazin-1-yl}-3-{4-[(dimethylamino)methyl]-5-methylpyridin-2-yl}prop-2-en-1-one 'C41 H46 Cl F4 N9 O2'
#
# COMPACT_ATOMS: atom_id res chain seq x y z
N GLY A 1 -19.98 -16.16 3.36
CA GLY A 1 -19.18 -15.36 4.26
C GLY A 1 -18.46 -14.29 3.46
N SER A 2 -17.87 -13.33 4.16
CA SER A 2 -17.04 -12.33 3.50
C SER A 2 -15.66 -12.90 3.27
N THR A 3 -15.12 -12.69 2.08
CA THR A 3 -13.71 -12.95 1.85
C THR A 3 -12.89 -11.88 2.54
N GLU A 4 -11.91 -12.28 3.33
CA GLU A 4 -11.02 -11.33 3.97
C GLU A 4 -9.77 -11.16 3.13
N TYR A 5 -9.37 -9.91 2.91
CA TYR A 5 -8.14 -9.59 2.18
C TYR A 5 -7.18 -8.92 3.14
N LYS A 6 -6.00 -9.52 3.30
CA LYS A 6 -4.97 -8.97 4.19
C LYS A 6 -4.07 -8.08 3.35
N LEU A 7 -4.25 -6.77 3.51
CA LEU A 7 -3.52 -5.75 2.78
C LEU A 7 -2.49 -5.11 3.69
N VAL A 8 -1.30 -4.86 3.14
CA VAL A 8 -0.20 -4.34 3.93
C VAL A 8 0.26 -3.05 3.29
N VAL A 9 0.32 -1.97 4.07
CA VAL A 9 0.74 -0.66 3.60
C VAL A 9 2.20 -0.44 4.01
N VAL A 10 3.09 -0.34 3.03
CA VAL A 10 4.51 -0.18 3.33
C VAL A 10 5.01 1.06 2.61
N GLY A 11 6.24 1.45 2.96
CA GLY A 11 6.86 2.63 2.39
C GLY A 11 7.64 3.40 3.43
N ALA A 12 8.46 4.34 2.98
CA ALA A 12 9.31 5.13 3.86
C ALA A 12 8.48 5.92 4.88
N GLY A 13 9.16 6.36 5.94
CA GLY A 13 8.48 7.18 6.95
C GLY A 13 7.91 8.44 6.32
N ASP A 14 6.75 8.86 6.84
CA ASP A 14 6.12 10.13 6.51
C ASP A 14 5.53 10.17 5.10
N VAL A 15 5.41 9.04 4.42
CA VAL A 15 4.82 9.08 3.07
C VAL A 15 3.30 9.11 3.15
N GLY A 16 2.72 8.74 4.29
CA GLY A 16 1.28 8.78 4.44
C GLY A 16 0.67 7.39 4.53
N LYS A 17 1.44 6.39 4.96
CA LYS A 17 0.85 5.08 5.22
C LYS A 17 -0.32 5.18 6.19
N SER A 18 -0.07 5.79 7.34
CA SER A 18 -1.12 5.89 8.33
C SER A 18 -2.27 6.75 7.81
N ALA A 19 -1.95 7.86 7.16
CA ALA A 19 -3.02 8.75 6.70
C ALA A 19 -3.88 8.08 5.64
N LEU A 20 -3.26 7.30 4.76
CA LEU A 20 -4.04 6.58 3.75
C LEU A 20 -4.95 5.55 4.41
N THR A 21 -4.39 4.83 5.38
CA THR A 21 -5.15 3.81 6.10
C THR A 21 -6.35 4.43 6.81
N ILE A 22 -6.09 5.51 7.55
CA ILE A 22 -7.16 6.14 8.34
C ILE A 22 -8.21 6.76 7.40
N GLN A 23 -7.78 7.31 6.27
CA GLN A 23 -8.74 7.81 5.29
C GLN A 23 -9.65 6.67 4.81
N LEU A 24 -9.05 5.53 4.45
CA LEU A 24 -9.88 4.38 4.09
C LEU A 24 -10.79 3.97 5.24
N ILE A 25 -10.26 3.92 6.47
CA ILE A 25 -11.00 3.34 7.58
C ILE A 25 -12.00 4.34 8.15
N GLN A 26 -11.54 5.54 8.52
CA GLN A 26 -12.37 6.52 9.19
C GLN A 26 -12.95 7.59 8.26
N ASN A 27 -12.56 7.60 6.98
CA ASN A 27 -13.02 8.62 6.04
C ASN A 27 -12.66 10.02 6.51
N HIS A 28 -11.48 10.10 7.14
CA HIS A 28 -11.00 11.40 7.68
C HIS A 28 -9.50 11.51 7.41
N PHE A 29 -9.01 12.73 7.20
CA PHE A 29 -7.56 12.93 7.01
C PHE A 29 -6.94 13.25 8.37
N VAL A 30 -5.88 12.52 8.74
CA VAL A 30 -5.20 12.79 10.02
C VAL A 30 -3.93 13.58 9.74
N ASP A 31 -3.85 14.78 10.31
CA ASP A 31 -2.63 15.62 10.18
C ASP A 31 -1.46 14.93 10.86
N GLU A 32 -1.70 14.32 12.03
CA GLU A 32 -0.60 13.69 12.80
C GLU A 32 -0.99 12.30 13.25
N TYR A 33 -0.14 11.31 12.98
CA TYR A 33 -0.37 9.95 13.53
C TYR A 33 0.98 9.48 14.07
N ASP A 34 1.01 9.00 15.31
CA ASP A 34 2.29 8.56 15.95
C ASP A 34 2.99 7.64 14.95
N PRO A 35 4.23 7.97 14.52
CA PRO A 35 4.90 7.15 13.48
C PRO A 35 5.37 5.80 13.98
N THR A 36 5.29 5.53 15.29
CA THR A 36 5.67 4.24 15.83
C THR A 36 4.49 3.30 15.98
N ILE A 37 3.27 3.77 15.75
CA ILE A 37 2.09 2.92 15.89
C ILE A 37 1.92 2.10 14.62
N GLU A 38 2.11 0.79 14.76
CA GLU A 38 1.75 -0.16 13.73
C GLU A 38 0.50 -0.87 14.20
N ASP A 39 -0.54 -0.86 13.38
CA ASP A 39 -1.76 -1.52 13.80
C ASP A 39 -2.44 -2.06 12.56
N SER A 40 -3.38 -2.97 12.78
CA SER A 40 -4.22 -3.46 11.71
C SER A 40 -5.64 -2.94 11.93
N TYR A 41 -6.27 -2.55 10.84
CA TYR A 41 -7.60 -1.96 10.83
C TYR A 41 -8.45 -2.77 9.87
N ARG A 42 -9.71 -3.00 10.24
CA ARG A 42 -10.63 -3.76 9.39
C ARG A 42 -11.79 -2.89 8.96
N LYS A 43 -12.26 -3.14 7.75
CA LYS A 43 -13.41 -2.44 7.21
C LYS A 43 -14.11 -3.39 6.26
N GLN A 44 -15.42 -3.49 6.39
CA GLN A 44 -16.18 -4.23 5.41
C GLN A 44 -16.55 -3.30 4.26
N VAL A 45 -16.33 -3.77 3.04
CA VAL A 45 -16.54 -2.96 1.85
CA VAL A 45 -16.51 -2.96 1.85
C VAL A 45 -17.08 -3.85 0.75
N VAL A 46 -17.75 -3.22 -0.22
CA VAL A 46 -18.25 -3.91 -1.40
C VAL A 46 -17.37 -3.52 -2.58
N ILE A 47 -16.77 -4.52 -3.21
CA ILE A 47 -15.86 -4.31 -4.33
C ILE A 47 -16.31 -5.22 -5.45
N ASP A 48 -16.69 -4.63 -6.59
CA ASP A 48 -17.15 -5.41 -7.73
C ASP A 48 -18.28 -6.35 -7.33
N GLY A 49 -19.23 -5.80 -6.59
CA GLY A 49 -20.36 -6.57 -6.09
C GLY A 49 -20.08 -7.48 -4.91
N GLU A 50 -18.83 -7.76 -4.60
CA GLU A 50 -18.49 -8.71 -3.56
C GLU A 50 -18.26 -8.00 -2.23
N THR A 51 -18.91 -8.48 -1.18
CA THR A 51 -18.67 -7.97 0.16
C THR A 51 -17.35 -8.54 0.66
N CYS A 52 -16.39 -7.65 0.89
CA CYS A 52 -15.04 -7.97 1.31
C CYS A 52 -14.81 -7.49 2.74
N LEU A 53 -14.00 -8.23 3.48
CA LEU A 53 -13.48 -7.74 4.76
C LEU A 53 -12.03 -7.38 4.53
N LEU A 54 -11.73 -6.08 4.53
CA LEU A 54 -10.36 -5.62 4.38
C LEU A 54 -9.67 -5.58 5.73
N ASP A 55 -8.49 -6.20 5.81
CA ASP A 55 -7.65 -6.19 7.00
C ASP A 55 -6.37 -5.48 6.58
N ILE A 56 -6.21 -4.23 7.02
CA ILE A 56 -5.12 -3.36 6.55
C ILE A 56 -4.06 -3.23 7.64
N LEU A 57 -2.86 -3.70 7.35
CA LEU A 57 -1.73 -3.53 8.25
C LEU A 57 -0.97 -2.26 7.88
N ASP A 58 -0.95 -1.30 8.79
CA ASP A 58 -0.29 -0.03 8.59
C ASP A 58 1.08 -0.19 9.27
N THR A 59 2.13 -0.41 8.48
CA THR A 59 3.42 -0.76 9.05
C THR A 59 4.12 0.44 9.69
N ALA A 60 4.87 0.17 10.76
CA ALA A 60 5.58 1.18 11.51
C ALA A 60 6.75 0.52 12.23
N GLY A 61 7.55 1.33 12.93
CA GLY A 61 8.67 0.84 13.71
C GLY A 61 9.92 0.53 12.90
N GLN A 62 11.00 0.27 13.64
CA GLN A 62 12.30 0.03 13.03
C GLN A 62 12.25 -1.14 12.06
N GLU A 63 13.01 -1.05 10.97
CA GLU A 63 13.06 -2.18 10.06
C GLU A 63 13.80 -3.33 10.74
N GLU A 64 13.24 -4.54 10.64
CA GLU A 64 13.75 -5.70 11.36
C GLU A 64 13.62 -6.92 10.46
N TYR A 65 14.71 -7.67 10.31
CA TYR A 65 14.76 -8.86 9.47
C TYR A 65 15.03 -10.06 10.36
N SER A 66 13.98 -10.54 10.99
CA SER A 66 13.98 -11.71 11.82
C SER A 66 12.98 -12.70 11.25
N ALA A 67 13.16 -13.97 11.59
CA ALA A 67 12.16 -14.97 11.23
C ALA A 67 10.77 -14.52 11.65
N MET A 68 10.64 -14.06 12.91
CA MET A 68 9.36 -13.62 13.45
C MET A 68 8.75 -12.50 12.62
N ARG A 69 9.54 -11.47 12.33
CA ARG A 69 9.04 -10.34 11.55
C ARG A 69 8.66 -10.78 10.14
N ASP A 70 9.54 -11.55 9.49
CA ASP A 70 9.24 -12.08 8.16
C ASP A 70 7.95 -12.89 8.18
N GLN A 71 7.83 -13.80 9.15
CA GLN A 71 6.64 -14.62 9.28
C GLN A 71 5.39 -13.75 9.28
N TYR A 72 5.42 -12.70 10.10
CA TYR A 72 4.28 -11.79 10.19
C TYR A 72 4.00 -11.10 8.86
N MET A 73 5.02 -10.47 8.27
CA MET A 73 4.81 -9.74 7.02
C MET A 73 4.36 -10.68 5.91
N ARG A 74 4.82 -11.93 5.94
CA ARG A 74 4.45 -12.91 4.93
C ARG A 74 2.96 -13.23 4.94
N THR A 75 2.24 -12.90 6.02
CA THR A 75 0.80 -13.10 6.02
C THR A 75 0.07 -12.09 5.14
N GLY A 76 0.71 -10.99 4.75
CA GLY A 76 0.09 -10.06 3.84
C GLY A 76 -0.22 -10.70 2.50
N GLU A 77 -1.43 -10.50 1.97
CA GLU A 77 -1.78 -11.03 0.66
C GLU A 77 -1.48 -10.06 -0.47
N GLY A 78 -1.44 -8.77 -0.16
CA GLY A 78 -1.15 -7.76 -1.15
C GLY A 78 -0.55 -6.56 -0.44
N PHE A 79 0.27 -5.81 -1.17
CA PHE A 79 1.05 -4.73 -0.59
C PHE A 79 0.85 -3.45 -1.38
N LEU A 80 0.50 -2.36 -0.69
CA LEU A 80 0.63 -1.02 -1.24
C LEU A 80 2.04 -0.52 -0.95
N CYS A 81 2.78 -0.21 -2.01
CA CYS A 81 4.12 0.36 -1.87
C CYS A 81 3.98 1.86 -2.06
N VAL A 82 4.04 2.59 -0.96
CA VAL A 82 3.71 4.01 -0.92
C VAL A 82 4.99 4.82 -0.92
N PHE A 83 5.05 5.81 -1.81
CA PHE A 83 6.01 6.90 -1.70
C PHE A 83 5.22 8.20 -1.72
N ALA A 84 5.88 9.31 -1.36
CA ALA A 84 5.28 10.63 -1.44
C ALA A 84 5.85 11.34 -2.64
N ILE A 85 4.99 11.99 -3.43
CA ILE A 85 5.44 12.57 -4.69
C ILE A 85 6.36 13.76 -4.50
N ASN A 86 6.47 14.30 -3.28
CA ASN A 86 7.39 15.39 -2.98
C ASN A 86 8.60 14.89 -2.20
N ASN A 87 8.88 13.59 -2.22
CA ASN A 87 9.99 12.99 -1.48
C ASN A 87 10.67 11.97 -2.40
N THR A 88 11.71 12.41 -3.10
CA THR A 88 12.37 11.53 -4.07
C THR A 88 13.00 10.34 -3.37
N LYS A 89 13.57 10.55 -2.17
CA LYS A 89 14.15 9.44 -1.43
C LYS A 89 13.13 8.35 -1.18
N SER A 90 11.90 8.75 -0.79
CA SER A 90 10.86 7.74 -0.57
C SER A 90 10.56 6.99 -1.85
N PHE A 91 10.65 7.66 -3.00
CA PHE A 91 10.49 6.98 -4.27
C PHE A 91 11.65 6.03 -4.52
N GLU A 92 12.88 6.49 -4.33
CA GLU A 92 14.05 5.64 -4.53
C GLU A 92 14.08 4.46 -3.58
N ASP A 93 13.36 4.53 -2.44
CA ASP A 93 13.24 3.40 -1.53
C ASP A 93 12.29 2.33 -2.01
N ILE A 94 11.47 2.60 -3.02
CA ILE A 94 10.41 1.68 -3.40
C ILE A 94 10.99 0.31 -3.77
N HIS A 95 12.08 0.29 -4.54
CA HIS A 95 12.61 -1.02 -4.94
C HIS A 95 13.00 -1.85 -3.73
N HIS A 96 13.46 -1.22 -2.65
CA HIS A 96 13.79 -1.94 -1.43
C HIS A 96 12.56 -2.66 -0.87
N TYR A 97 11.41 -1.96 -0.80
CA TYR A 97 10.19 -2.58 -0.32
C TYR A 97 9.73 -3.70 -1.24
N ARG A 98 9.78 -3.44 -2.54
CA ARG A 98 9.45 -4.48 -3.53
C ARG A 98 10.31 -5.71 -3.31
N GLU A 99 11.62 -5.52 -3.19
CA GLU A 99 12.54 -6.63 -3.02
C GLU A 99 12.25 -7.40 -1.73
N GLN A 100 11.98 -6.69 -0.63
CA GLN A 100 11.70 -7.39 0.63
C GLN A 100 10.44 -8.23 0.52
N ILE A 101 9.40 -7.69 -0.12
CA ILE A 101 8.13 -8.39 -0.25
C ILE A 101 8.30 -9.66 -1.08
N LYS A 102 8.92 -9.53 -2.26
CA LYS A 102 9.26 -10.71 -3.06
C LYS A 102 10.03 -11.73 -2.24
N ARG A 103 10.92 -11.27 -1.36
CA ARG A 103 11.72 -12.20 -0.58
C ARG A 103 10.85 -13.00 0.39
N VAL A 104 10.00 -12.32 1.17
CA VAL A 104 9.24 -13.01 2.22
CA VAL A 104 9.26 -13.02 2.22
C VAL A 104 8.12 -13.84 1.64
N LYS A 105 7.53 -13.40 0.53
CA LYS A 105 6.51 -14.18 -0.17
C LYS A 105 7.12 -15.25 -1.04
N ASP A 106 8.44 -15.25 -1.19
CA ASP A 106 9.15 -16.15 -2.08
C ASP A 106 8.44 -16.26 -3.42
N SER A 107 8.19 -15.10 -4.03
CA SER A 107 7.50 -15.10 -5.31
C SER A 107 7.78 -13.79 -6.03
N GLU A 108 7.95 -13.89 -7.34
CA GLU A 108 8.05 -12.72 -8.18
C GLU A 108 6.70 -12.08 -8.45
N ASP A 109 5.61 -12.79 -8.13
CA ASP A 109 4.25 -12.43 -8.53
C ASP A 109 3.40 -12.21 -7.29
N VAL A 110 3.68 -11.14 -6.56
CA VAL A 110 2.93 -10.79 -5.35
C VAL A 110 1.97 -9.65 -5.68
N PRO A 111 0.71 -9.75 -5.32
CA PRO A 111 -0.21 -8.62 -5.55
C PRO A 111 0.36 -7.35 -4.93
N MET A 112 0.51 -6.31 -5.76
CA MET A 112 1.18 -5.09 -5.37
CA MET A 112 1.17 -5.09 -5.34
C MET A 112 0.62 -3.93 -6.16
N VAL A 113 0.57 -2.76 -5.52
CA VAL A 113 0.22 -1.50 -6.18
C VAL A 113 1.25 -0.46 -5.78
N LEU A 114 1.75 0.27 -6.75
CA LEU A 114 2.62 1.42 -6.48
C LEU A 114 1.72 2.61 -6.21
N VAL A 115 1.92 3.29 -5.08
CA VAL A 115 1.08 4.42 -4.70
C VAL A 115 1.96 5.65 -4.57
N GLY A 116 1.63 6.69 -5.35
CA GLY A 116 2.27 7.98 -5.19
C GLY A 116 1.34 8.89 -4.41
N ASN A 117 1.65 9.10 -3.13
CA ASN A 117 0.75 9.82 -2.24
C ASN A 117 1.11 11.32 -2.16
N LYS A 118 0.18 12.11 -1.57
CA LYS A 118 0.31 13.55 -1.39
C LYS A 118 0.19 14.33 -2.69
N CYS A 119 -0.56 13.80 -3.66
N CYS A 119 -0.58 13.81 -3.65
CA CYS A 119 -0.66 14.49 -4.94
CA CYS A 119 -0.70 14.49 -4.93
C CYS A 119 -1.55 15.75 -4.87
C CYS A 119 -1.40 15.83 -4.82
N ASP A 120 -2.04 16.11 -3.68
CA ASP A 120 -2.64 17.41 -3.46
C ASP A 120 -1.60 18.52 -3.31
N LEU A 121 -0.32 18.16 -3.10
CA LEU A 121 0.76 19.10 -2.81
C LEU A 121 1.34 19.70 -4.09
N PRO A 122 1.72 20.98 -4.06
CA PRO A 122 2.28 21.62 -5.26
C PRO A 122 3.71 21.25 -5.55
N SER A 123 4.44 20.69 -4.58
CA SER A 123 5.90 20.62 -4.61
C SER A 123 6.40 19.25 -5.07
N ARG A 124 5.84 18.71 -6.15
CA ARG A 124 6.19 17.35 -6.51
C ARG A 124 7.59 17.29 -7.10
N THR A 125 8.38 16.32 -6.64
CA THR A 125 9.73 16.11 -7.14
C THR A 125 9.86 14.79 -7.88
N VAL A 126 8.82 13.96 -7.88
CA VAL A 126 8.79 12.68 -8.59
C VAL A 126 7.70 12.82 -9.65
N ASP A 127 8.09 12.90 -10.91
CA ASP A 127 7.00 13.14 -11.85
C ASP A 127 6.27 11.82 -12.12
N THR A 128 5.05 11.97 -12.65
CA THR A 128 4.18 10.81 -12.84
C THR A 128 4.82 9.81 -13.79
N LYS A 129 5.47 10.27 -14.85
CA LYS A 129 6.02 9.37 -15.85
C LYS A 129 7.05 8.43 -15.23
N GLN A 130 7.91 8.96 -14.36
CA GLN A 130 8.92 8.09 -13.75
C GLN A 130 8.26 7.04 -12.87
N ALA A 131 7.22 7.42 -12.13
CA ALA A 131 6.49 6.48 -11.29
C ALA A 131 5.74 5.45 -12.12
N GLN A 132 5.01 5.91 -13.16
CA GLN A 132 4.39 4.97 -14.10
C GLN A 132 5.42 4.02 -14.66
N ASP A 133 6.60 4.54 -15.01
CA ASP A 133 7.64 3.69 -15.58
C ASP A 133 8.13 2.67 -14.55
N LEU A 134 8.22 3.05 -13.28
CA LEU A 134 8.65 2.09 -12.29
C LEU A 134 7.60 1.00 -12.12
N ALA A 135 6.33 1.39 -12.03
CA ALA A 135 5.25 0.40 -11.95
C ALA A 135 5.28 -0.54 -13.15
N ARG A 136 5.50 0.02 -14.35
CA ARG A 136 5.59 -0.81 -15.57
C ARG A 136 6.74 -1.80 -15.42
N SER A 137 7.87 -1.35 -14.89
CA SER A 137 9.02 -2.24 -14.69
C SER A 137 8.65 -3.43 -13.82
N TYR A 138 7.85 -3.21 -12.79
CA TYR A 138 7.41 -4.26 -11.88
C TYR A 138 6.17 -5.00 -12.36
N GLY A 139 5.53 -4.53 -13.42
CA GLY A 139 4.28 -5.11 -13.88
C GLY A 139 3.13 -4.90 -12.92
N ILE A 140 3.06 -3.75 -12.26
CA ILE A 140 2.00 -3.52 -11.29
C ILE A 140 1.33 -2.19 -11.59
N PRO A 141 0.13 -1.97 -11.07
CA PRO A 141 -0.54 -0.69 -11.26
C PRO A 141 0.15 0.41 -10.47
N PHE A 142 -0.01 1.63 -10.97
CA PHE A 142 0.42 2.84 -10.29
C PHE A 142 -0.79 3.73 -10.07
N ILE A 143 -1.00 4.16 -8.84
CA ILE A 143 -2.13 5.00 -8.49
C ILE A 143 -1.62 6.21 -7.72
N GLU A 144 -2.01 7.40 -8.16
CA GLU A 144 -1.69 8.63 -7.46
C GLU A 144 -2.80 8.93 -6.46
N THR A 145 -2.42 9.18 -5.20
CA THR A 145 -3.41 9.37 -4.14
C THR A 145 -3.16 10.67 -3.38
N SER A 146 -4.21 11.12 -2.69
CA SER A 146 -4.09 12.06 -1.60
C SER A 146 -4.92 11.54 -0.44
N ALA A 147 -4.26 11.23 0.68
CA ALA A 147 -5.00 10.98 1.91
C ALA A 147 -5.79 12.19 2.36
N LYS A 148 -5.36 13.39 1.93
CA LYS A 148 -6.03 14.60 2.38
C LYS A 148 -7.35 14.82 1.61
N THR A 149 -7.33 14.66 0.28
CA THR A 149 -8.54 14.91 -0.50
C THR A 149 -9.36 13.66 -0.78
N ARG A 150 -8.78 12.48 -0.58
CA ARG A 150 -9.31 11.13 -0.88
C ARG A 150 -9.04 10.71 -2.30
N GLN A 151 -8.51 11.60 -3.14
CA GLN A 151 -8.12 11.21 -4.48
C GLN A 151 -7.40 9.87 -4.45
N GLY A 152 -7.87 8.93 -5.27
CA GLY A 152 -7.25 7.65 -5.51
C GLY A 152 -7.25 6.66 -4.37
N VAL A 153 -7.86 6.98 -3.22
CA VAL A 153 -7.65 6.14 -2.04
C VAL A 153 -8.35 4.81 -2.20
N ASP A 154 -9.67 4.85 -2.46
CA ASP A 154 -10.41 3.64 -2.79
C ASP A 154 -9.75 2.89 -3.93
N ASP A 155 -9.34 3.61 -4.98
CA ASP A 155 -8.77 2.93 -6.12
C ASP A 155 -7.53 2.14 -5.70
N ALA A 156 -6.68 2.75 -4.88
CA ALA A 156 -5.45 2.09 -4.49
C ALA A 156 -5.74 0.78 -3.77
N PHE A 157 -6.60 0.82 -2.76
CA PHE A 157 -6.89 -0.39 -1.99
C PHE A 157 -7.72 -1.38 -2.79
N TYR A 158 -8.75 -0.90 -3.51
CA TYR A 158 -9.59 -1.79 -4.29
C TYR A 158 -8.81 -2.44 -5.42
N THR A 159 -7.90 -1.69 -6.04
CA THR A 159 -7.08 -2.30 -7.09
C THR A 159 -6.25 -3.43 -6.50
N LEU A 160 -5.75 -3.23 -5.28
CA LEU A 160 -4.98 -4.27 -4.62
C LEU A 160 -5.84 -5.50 -4.37
N VAL A 161 -7.09 -5.30 -3.95
CA VAL A 161 -8.02 -6.41 -3.79
C VAL A 161 -8.24 -7.14 -5.12
N ARG A 162 -8.47 -6.38 -6.19
CA ARG A 162 -8.66 -7.00 -7.50
C ARG A 162 -7.42 -7.79 -7.92
N GLU A 163 -6.24 -7.27 -7.61
CA GLU A 163 -5.01 -8.00 -7.90
CA GLU A 163 -5.01 -8.00 -7.88
C GLU A 163 -4.95 -9.32 -7.12
N ILE A 164 -5.35 -9.30 -5.85
CA ILE A 164 -5.34 -10.50 -5.04
C ILE A 164 -6.31 -11.53 -5.59
N ARG A 165 -7.53 -11.09 -5.90
CA ARG A 165 -8.49 -11.98 -6.56
C ARG A 165 -7.90 -12.64 -7.79
N LYS A 166 -7.26 -11.84 -8.65
CA LYS A 166 -6.70 -12.40 -9.88
C LYS A 166 -5.60 -13.42 -9.57
N HIS A 167 -4.79 -13.14 -8.55
CA HIS A 167 -3.69 -14.02 -8.19
C HIS A 167 -4.20 -15.35 -7.65
N LYS A 168 -5.25 -15.32 -6.84
CA LYS A 168 -5.81 -16.52 -6.23
C LYS A 168 -6.45 -17.45 -7.25
N GLU A 169 -6.72 -16.98 -8.46
CA GLU A 169 -7.30 -17.79 -9.52
C GLU A 169 -6.25 -18.52 -10.37
N LYS A 170 -5.02 -18.62 -9.87
CA LYS A 170 -3.99 -19.42 -10.53
C LYS A 170 -4.04 -20.87 -10.07
MG MG B . 2.42 5.79 10.27
PB GDP C . 3.57 7.45 7.67
O1B GDP C . 2.52 6.72 8.46
O2B GDP C . 3.90 6.78 6.37
O3B GDP C . 4.81 7.63 8.48
O3A GDP C . 2.99 8.89 7.26
PA GDP C . 1.77 9.64 7.96
O1A GDP C . 0.48 8.96 7.55
O2A GDP C . 2.09 9.64 9.43
O5' GDP C . 1.89 11.10 7.29
C5' GDP C . 3.05 11.88 7.59
C4' GDP C . 2.69 13.35 7.36
O4' GDP C . 2.30 13.56 6.00
C3' GDP C . 1.48 13.73 8.21
O3' GDP C . 1.60 15.10 8.58
C2' GDP C . 0.31 13.62 7.26
O2' GDP C . -0.75 14.52 7.58
C1' GDP C . 0.94 14.01 5.95
N9 GDP C . 0.23 13.39 4.83
C8 GDP C . -0.04 12.09 4.65
N7 GDP C . -0.72 11.89 3.48
C5 GDP C . -0.88 13.11 2.91
C6 GDP C . -1.49 13.65 1.67
O6 GDP C . -2.05 12.92 0.82
N1 GDP C . -1.43 14.97 1.49
C2 GDP C . -0.83 15.81 2.36
N2 GDP C . -0.82 17.14 2.10
N3 GDP C . -0.25 15.39 3.50
C4 GDP C . -0.25 14.07 3.81
N1 XV3 D . 12.38 -1.16 5.43
C7 XV3 D . 9.84 -3.70 6.22
C8 XV3 D . 9.07 -3.02 7.15
N2 XV3 D . 11.99 0.82 6.72
C9 XV3 D . 9.35 -1.73 7.52
O1 XV3 D . 13.72 0.57 5.22
C1 XV3 D . 9.00 -7.06 4.66
C5 XV3 D . 8.96 -5.67 4.85
C6 XV3 D . 8.18 -4.80 3.88
N3 XV3 D . 10.21 1.11 8.21
C4 XV3 D . 9.64 -5.15 5.97
C3 XV3 D . 10.29 -7.26 6.69
C2 XV3 D . 9.65 -7.86 5.60
N4 XV3 D . 8.96 3.63 8.54
N XV3 D . 10.26 -5.93 6.88
C XV3 D . 8.38 -7.75 3.48
O XV3 D . 7.02 4.69 8.87
C10 XV3 D . 10.47 -1.05 6.96
C11 XV3 D . 11.27 -1.70 6.00
C12 XV3 D . 10.90 -3.03 5.64
C13 XV3 D . 12.65 0.06 5.83
C14 XV3 D . 10.90 0.30 7.29
C15 XV3 D . 10.84 2.13 9.04
C16 XV3 D . 10.43 3.52 8.60
C17 XV3 D . 8.36 2.63 7.66
C18 XV3 D . 8.71 1.23 8.12
C19 XV3 D . 8.01 0.89 9.45
C20 XV3 D . 8.20 4.52 9.19
C21 XV3 D . 8.85 5.39 10.19
C22 XV3 D . 8.56 6.67 10.25
C23 XV3 D . 9.06 7.64 11.21
C24 XV3 D . 8.67 8.96 11.14
C25 XV3 D . 9.13 9.88 12.07
C26 XV3 D . 10.00 9.42 13.07
C27 XV3 D . 10.34 8.08 13.07
C28 XV3 D . 10.58 10.36 14.12
C29 XV3 D . 8.72 11.32 11.97
C30 XV3 D . 10.81 12.10 11.11
C31 XV3 D . 8.76 13.22 10.57
C32 XV3 D . 14.10 1.91 5.56
C33 XV3 D . 15.38 2.22 4.78
C34 XV3 D . 16.05 3.53 5.24
C35 XV3 D . 17.54 3.22 5.15
C36 XV3 D . 17.66 1.75 5.46
C37 XV3 D . 16.49 0.39 3.76
C38 XV3 D . 16.03 1.34 2.68
C39 XV3 D . 16.49 1.43 1.44
C40 XV3 D . 14.99 2.23 3.30
F XV3 D . 8.77 -4.67 2.69
F1 XV3 D . 7.93 -3.57 4.30
F2 XV3 D . 6.98 -5.31 3.58
F3 XV3 D . 11.59 -3.61 4.65
N5 XV3 D . 9.90 7.19 12.17
N6 XV3 D . 9.38 11.94 10.85
N7 XV3 D . 16.41 1.15 5.01
N8 XV3 D . 10.97 -7.98 7.60
CL XV3 D . 7.69 -3.83 7.83
H5 XV3 D . 8.70 -1.26 8.26
H4 XV3 D . 9.67 -8.94 5.47
H2 XV3 D . 8.80 -8.75 3.36
H1 XV3 D . 8.57 -7.18 2.57
H3 XV3 D . 7.30 -7.84 3.61
H7 XV3 D . 11.92 2.08 9.03
H6 XV3 D . 10.56 2.02 10.09
H9 XV3 D . 10.85 3.74 7.61
H8 XV3 D . 10.82 4.28 9.27
H11 XV3 D . 7.28 2.79 7.61
H10 XV3 D . 8.68 2.80 6.62
H XV3 D . 8.39 0.50 7.38
H13 XV3 D . 8.33 1.53 10.27
H14 XV3 D . 8.19 -0.13 9.77
H12 XV3 D . 6.93 0.99 9.39
H15 XV3 D . 9.57 4.94 10.87
H16 XV3 D . 7.86 7.10 9.51
H17 XV3 D . 7.98 9.28 10.35
H18 XV3 D . 11.00 7.67 13.82
H20 XV3 D . 11.35 9.89 14.70
H21 XV3 D . 9.82 10.71 14.83
H19 XV3 D . 11.01 11.25 13.68
H23 XV3 D . 8.94 11.81 12.92
H22 XV3 D . 7.63 11.36 11.90
H26 XV3 D . 11.35 11.16 10.98
H25 XV3 D . 11.01 12.43 12.13
H24 XV3 D . 11.27 12.82 10.45
H28 XV3 D . 7.67 13.13 10.54
H29 XV3 D . 9.08 13.61 9.60
H27 XV3 D . 9.01 13.95 11.33
H31 XV3 D . 14.29 2.02 6.63
H30 XV3 D . 13.33 2.63 5.31
H33 XV3 D . 15.76 3.83 6.24
H32 XV3 D . 15.78 4.38 4.61
H34 XV3 D . 17.95 3.47 4.18
H35 XV3 D . 18.12 3.83 5.86
H36 XV3 D . 18.55 1.36 4.96
H37 XV3 D . 17.86 1.62 6.53
H39 XV3 D . 15.88 -0.51 3.81
H38 XV3 D . 17.51 0.03 3.60
H41 XV3 D . 17.25 0.75 1.05
H40 XV3 D . 16.14 2.16 0.73
H43 XV3 D . 13.98 1.86 3.11
H42 XV3 D . 14.99 3.23 2.84
H44 XV3 D . 11.05 -8.99 7.52
H45 XV3 D . 11.42 -7.52 8.40
#